data_6EAN
#
_entry.id   6EAN
#
_cell.length_a   168.730
_cell.length_b   168.730
_cell.length_c   168.730
_cell.angle_alpha   90.000
_cell.angle_beta   90.000
_cell.angle_gamma   90.000
#
_symmetry.space_group_name_H-M   'P 41 3 2'
#
loop_
_entity.id
_entity.type
_entity.pdbx_description
1 polymer 'Fusion glycoprotein F0'
2 non-polymer 2-acetamido-2-deoxy-beta-D-glucopyranose
3 non-polymer '2-[N-CYCLOHEXYLAMINO]ETHANE SULFONIC ACID'
4 non-polymer 'SULFATE ION'
5 water water
#
_entity_poly.entity_id   1
_entity_poly.type   'polypeptide(L)'
_entity_poly.pdbx_seq_one_letter_code
;MELLILKANAITTILTAVTFCFASGQNITEEFYQSTCSAVSKGYLSALRTGWYTSVITIELSNIKENKCNGTDAKVKLIK
QELDKYKNAVTELQLLMQSTPATNNRARRELPRFMNYTLNNAKKTNVTLSKKRKRRFLGFLLGVGSAIASGVAVCKVLHL
EGEVNKIKSALLSTNKAVVSLSNGVSVLTFKVLDLKNYIDKQLLPILNKQSCSISNIETVIEFQQKNNRLLEITREFSVN
AGVTTPVSTYMLTNSELLSLINDMPITNDQKKLMSNNVQIVRQQSYSIMCIIKEEVLAYVVQLPLYGVIDTPCWKLHTSP
LCTTNTKEGSNICLTRTDRGWYCDNAGSVSFFPQAETCKVQSNRVFCDTMNSLTLPSEVNLCNVDIFNPKYDCKIMTSKT
DVSSSVITSLGAIVSCYGKTKCTASNKNRGIIKTFSNGCDYVSNKGVDTVSVGNTLYYVNKQEGKSLYVKGEPIINFYDP
LVFPSDEIDASISQVNEKINQSLAFIRKSDELLSAIGGYIPEAPRDGQAYVRKDGEWVLLSTFLGGLVPRGSHHHHHHSA
WSHPQFEK
;
_entity_poly.pdbx_strand_id   F
#
loop_
_chem_comp.id
_chem_comp.type
_chem_comp.name
_chem_comp.formula
NAG D-saccharide, beta linking 2-acetamido-2-deoxy-beta-D-glucopyranose 'C8 H15 N O6'
NHE non-polymer '2-[N-CYCLOHEXYLAMINO]ETHANE SULFONIC ACID' 'C8 H17 N O3 S'
SO4 non-polymer 'SULFATE ION' 'O4 S -2'
#
# COMPACT_ATOMS: atom_id res chain seq x y z
N ASN A 27 10.00 -16.93 15.96
CA ASN A 27 9.32 -15.83 15.30
C ASN A 27 9.37 -15.98 13.79
N ILE A 28 10.31 -15.30 13.14
CA ILE A 28 10.46 -15.35 11.69
C ILE A 28 11.41 -16.47 11.32
N THR A 29 10.97 -17.35 10.43
CA THR A 29 11.79 -18.45 9.94
C THR A 29 11.73 -18.48 8.41
N GLU A 30 12.64 -19.25 7.81
CA GLU A 30 12.73 -19.30 6.36
C GLU A 30 13.18 -20.69 5.93
N GLU A 31 12.65 -21.14 4.79
CA GLU A 31 12.98 -22.45 4.23
C GLU A 31 13.27 -22.27 2.75
N PHE A 32 14.43 -22.77 2.31
CA PHE A 32 14.82 -22.73 0.91
C PHE A 32 14.65 -24.10 0.29
N TYR A 33 14.06 -24.15 -0.90
CA TYR A 33 13.78 -25.40 -1.60
C TYR A 33 14.70 -25.47 -2.81
N GLN A 34 15.76 -26.27 -2.69
CA GLN A 34 16.72 -26.39 -3.78
C GLN A 34 16.11 -26.99 -5.03
N SER A 35 15.04 -27.77 -4.89
CA SER A 35 14.44 -28.42 -6.04
C SER A 35 13.74 -27.42 -6.96
N THR A 36 13.14 -26.37 -6.40
CA THR A 36 12.37 -25.42 -7.19
C THR A 36 12.93 -24.00 -7.14
N CYS A 37 14.09 -23.81 -6.53
CA CYS A 37 14.75 -22.50 -6.48
C CYS A 37 13.80 -21.44 -5.89
N SER A 38 13.34 -21.72 -4.68
CA SER A 38 12.37 -20.85 -4.03
C SER A 38 12.55 -20.91 -2.53
N ALA A 39 12.11 -19.85 -1.86
CA ALA A 39 12.25 -19.73 -0.42
C ALA A 39 10.98 -19.14 0.16
N VAL A 40 10.57 -19.65 1.33
CA VAL A 40 9.36 -19.20 2.00
C VAL A 40 9.76 -18.62 3.35
N SER A 41 9.26 -17.42 3.64
CA SER A 41 9.48 -16.75 4.93
C SER A 41 8.19 -16.84 5.74
N LYS A 42 8.20 -17.66 6.78
CA LYS A 42 7.04 -17.86 7.64
C LYS A 42 7.17 -17.06 8.92
N GLY A 43 6.05 -16.95 9.65
CA GLY A 43 6.03 -16.33 10.96
C GLY A 43 5.39 -14.96 11.03
N TYR A 44 4.79 -14.47 9.96
CA TYR A 44 4.21 -13.14 9.96
C TYR A 44 2.74 -13.19 10.35
N LEU A 45 2.21 -12.01 10.69
CA LEU A 45 0.81 -11.84 11.05
C LEU A 45 0.14 -10.88 10.08
N SER A 46 -1.15 -11.09 9.85
CA SER A 46 -1.89 -10.36 8.84
C SER A 46 -2.51 -9.09 9.38
N ALA A 47 -2.81 -8.18 8.47
CA ALA A 47 -3.58 -6.96 8.69
C ALA A 47 -4.09 -6.52 7.32
N LEU A 48 -5.08 -7.26 6.82
CA LEU A 48 -5.61 -7.05 5.49
C LEU A 48 -6.76 -6.04 5.54
N ARG A 49 -6.72 -5.06 4.65
CA ARG A 49 -7.83 -4.13 4.51
C ARG A 49 -8.95 -4.81 3.75
N THR A 50 -10.10 -4.97 4.40
CA THR A 50 -11.26 -5.61 3.78
C THR A 50 -12.33 -4.62 3.35
N GLY A 51 -12.46 -3.49 4.03
CA GLY A 51 -13.49 -2.52 3.70
C GLY A 51 -13.05 -1.08 3.91
N TRP A 52 -14.01 -0.18 4.03
CA TRP A 52 -13.74 1.23 4.21
C TRP A 52 -14.70 1.81 5.24
N TYR A 53 -14.22 2.80 6.00
CA TYR A 53 -15.06 3.61 6.87
C TYR A 53 -14.91 5.06 6.45
N THR A 54 -16.02 5.67 6.06
CA THR A 54 -16.03 7.04 5.57
C THR A 54 -16.42 7.99 6.69
N SER A 55 -15.62 9.04 6.87
CA SER A 55 -15.91 10.08 7.85
C SER A 55 -15.88 11.43 7.15
N VAL A 56 -16.57 12.40 7.75
CA VAL A 56 -16.73 13.73 7.17
C VAL A 56 -15.99 14.73 8.05
N ILE A 57 -14.95 15.34 7.51
CA ILE A 57 -14.17 16.36 8.20
C ILE A 57 -14.63 17.73 7.72
N THR A 58 -14.95 18.61 8.65
CA THR A 58 -15.52 19.90 8.32
C THR A 58 -14.64 21.05 8.82
N ILE A 59 -14.79 22.20 8.17
CA ILE A 59 -14.12 23.44 8.54
C ILE A 59 -15.13 24.55 8.37
N GLU A 60 -15.52 25.19 9.48
CA GLU A 60 -16.48 26.30 9.40
C GLU A 60 -15.80 27.54 8.85
N LEU A 61 -16.40 28.13 7.82
CA LEU A 61 -15.84 29.28 7.13
C LEU A 61 -16.62 30.55 7.50
N SER A 62 -15.98 31.69 7.26
CA SER A 62 -16.59 33.00 7.48
C SER A 62 -16.94 33.62 6.13
N ASN A 63 -18.20 34.01 5.98
CA ASN A 63 -18.66 34.73 4.78
C ASN A 63 -18.53 36.23 5.06
N ILE A 64 -17.32 36.74 4.84
CA ILE A 64 -16.96 38.12 5.16
C ILE A 64 -16.90 38.91 3.86
N LYS A 65 -17.49 40.11 3.88
CA LYS A 65 -17.46 40.99 2.72
C LYS A 65 -16.66 42.27 3.01
N CYS A 69 -10.89 48.69 5.20
CA CYS A 69 -11.00 50.13 5.45
C CYS A 69 -10.07 50.94 4.55
N ASN A 70 -10.01 52.24 4.79
CA ASN A 70 -9.14 53.14 4.04
C ASN A 70 -7.75 53.26 4.65
N GLY A 71 -7.51 52.62 5.79
CA GLY A 71 -6.22 52.75 6.45
C GLY A 71 -5.12 51.99 5.74
N THR A 72 -3.89 52.49 5.91
CA THR A 72 -2.71 51.88 5.31
C THR A 72 -1.74 51.38 6.37
N ASP A 73 -2.22 51.13 7.58
CA ASP A 73 -1.36 50.66 8.65
C ASP A 73 -0.65 49.37 8.25
N ALA A 74 0.66 49.31 8.51
CA ALA A 74 1.44 48.13 8.13
C ALA A 74 0.96 46.89 8.86
N LYS A 75 0.35 47.06 10.04
CA LYS A 75 -0.19 45.92 10.77
C LYS A 75 -1.49 45.41 10.14
N VAL A 76 -2.32 46.32 9.62
CA VAL A 76 -3.57 45.90 9.00
C VAL A 76 -3.37 45.49 7.55
N LYS A 77 -2.33 46.00 6.88
CA LYS A 77 -2.08 45.62 5.50
C LYS A 77 -1.73 44.13 5.41
N LEU A 78 -0.94 43.64 6.37
CA LEU A 78 -0.65 42.21 6.41
C LEU A 78 -1.89 41.40 6.71
N ILE A 79 -2.83 41.96 7.47
CA ILE A 79 -4.10 41.27 7.72
C ILE A 79 -4.92 41.21 6.43
N LYS A 80 -5.00 42.31 5.68
CA LYS A 80 -5.71 42.29 4.41
C LYS A 80 -5.04 41.35 3.41
N GLN A 81 -3.72 41.23 3.47
CA GLN A 81 -3.02 40.27 2.61
C GLN A 81 -3.39 38.84 2.99
N GLU A 82 -3.32 38.51 4.27
CA GLU A 82 -3.67 37.16 4.70
C GLU A 82 -5.16 36.88 4.52
N LEU A 83 -6.01 37.90 4.62
CA LEU A 83 -7.44 37.70 4.39
C LEU A 83 -7.74 37.45 2.93
N ASP A 84 -6.94 38.01 2.01
CA ASP A 84 -7.14 37.74 0.59
C ASP A 84 -6.66 36.35 0.22
N LYS A 85 -5.65 35.83 0.92
CA LYS A 85 -5.27 34.43 0.75
C LYS A 85 -6.40 33.50 1.18
N TYR A 86 -7.20 33.94 2.15
CA TYR A 86 -8.35 33.15 2.59
C TYR A 86 -9.47 33.19 1.56
N LYS A 87 -9.75 34.36 1.00
CA LYS A 87 -10.79 34.47 -0.03
C LYS A 87 -10.44 33.64 -1.26
N ASN A 88 -9.17 33.69 -1.68
CA ASN A 88 -8.75 32.94 -2.87
C ASN A 88 -8.81 31.44 -2.62
N ALA A 89 -8.42 31.00 -1.41
CA ALA A 89 -8.46 29.58 -1.10
C ALA A 89 -9.88 29.03 -1.22
N VAL A 90 -10.86 29.78 -0.74
CA VAL A 90 -12.25 29.34 -0.84
C VAL A 90 -12.68 29.32 -2.30
N THR A 91 -12.35 30.37 -3.05
CA THR A 91 -12.71 30.43 -4.46
C THR A 91 -12.04 29.30 -5.24
N GLU A 92 -10.78 29.01 -4.93
CA GLU A 92 -10.06 27.94 -5.61
C GLU A 92 -10.71 26.58 -5.33
N LEU A 93 -11.16 26.35 -4.10
CA LEU A 93 -11.79 25.08 -3.77
C LEU A 93 -13.18 24.96 -4.36
N GLN A 94 -13.91 26.09 -4.48
CA GLN A 94 -15.21 26.06 -5.12
C GLN A 94 -15.09 25.79 -6.60
N LEU A 95 -14.11 26.42 -7.26
CA LEU A 95 -13.82 26.11 -8.66
C LEU A 95 -13.36 24.67 -8.83
N LEU A 96 -12.81 24.06 -7.78
CA LEU A 96 -12.31 22.70 -7.87
C LEU A 96 -13.45 21.69 -7.91
N MET A 97 -14.58 22.00 -7.27
CA MET A 97 -15.71 21.08 -7.15
C MET A 97 -16.70 21.21 -8.31
N GLN A 98 -16.27 21.75 -9.44
CA GLN A 98 -17.19 21.85 -10.59
C GLN A 98 -17.47 20.51 -11.26
N SER A 99 -17.14 19.39 -10.64
CA SER A 99 -17.38 18.07 -11.24
C SER A 99 -17.28 17.02 -10.14
N THR A 100 -17.67 15.81 -10.50
CA THR A 100 -17.64 14.70 -9.55
C THR A 100 -16.20 14.24 -9.34
N PRO A 101 -15.75 14.08 -8.10
CA PRO A 101 -14.39 13.59 -7.86
C PRO A 101 -14.23 12.15 -8.31
N ALA A 102 -13.09 11.87 -8.95
CA ALA A 102 -12.82 10.53 -9.43
C ALA A 102 -11.32 10.37 -9.65
N THR A 103 -10.79 9.22 -9.27
CA THR A 103 -9.39 8.89 -9.49
C THR A 103 -9.24 8.04 -10.73
N ASN A 104 -8.01 8.01 -11.25
CA ASN A 104 -7.71 7.25 -12.46
C ASN A 104 -7.87 5.76 -12.18
N ASN A 105 -8.76 5.11 -12.92
CA ASN A 105 -9.10 3.71 -12.71
C ASN A 105 -8.48 2.84 -13.79
N ARG A 106 -8.17 1.59 -13.42
CA ARG A 106 -7.40 0.68 -14.26
C ARG A 106 -8.27 -0.06 -15.28
N ALA A 107 -9.59 0.02 -15.16
CA ALA A 107 -10.48 -0.77 -16.01
C ALA A 107 -10.33 -0.43 -17.48
N PHE A 137 4.41 -11.11 -10.13
CA PHE A 137 4.48 -11.56 -11.51
C PHE A 137 3.08 -11.75 -12.09
N LEU A 138 2.21 -12.42 -11.33
CA LEU A 138 0.85 -12.71 -11.75
C LEU A 138 -0.10 -11.56 -11.48
N GLY A 139 0.40 -10.33 -11.39
CA GLY A 139 -0.44 -9.19 -11.09
C GLY A 139 -1.45 -8.86 -12.18
N PHE A 140 -1.19 -9.26 -13.42
CA PHE A 140 -2.14 -9.02 -14.50
C PHE A 140 -3.41 -9.85 -14.37
N LEU A 141 -3.42 -10.83 -13.45
CA LEU A 141 -4.61 -11.64 -13.22
C LEU A 141 -5.59 -10.97 -12.24
N LEU A 142 -5.20 -9.86 -11.63
CA LEU A 142 -6.05 -9.23 -10.63
C LEU A 142 -7.27 -8.59 -11.27
N GLY A 143 -8.30 -8.37 -10.45
CA GLY A 143 -9.46 -7.62 -10.86
C GLY A 143 -9.22 -6.12 -10.79
N VAL A 144 -10.26 -5.37 -11.13
CA VAL A 144 -10.20 -3.91 -11.16
C VAL A 144 -11.30 -3.37 -10.26
N GLY A 145 -10.90 -2.56 -9.27
CA GLY A 145 -11.83 -1.91 -8.37
C GLY A 145 -11.88 -0.41 -8.55
N SER A 146 -12.78 0.22 -7.80
CA SER A 146 -12.88 1.66 -7.72
C SER A 146 -12.67 2.02 -6.25
N ALA A 147 -11.46 2.51 -5.93
CA ALA A 147 -11.05 2.63 -4.53
C ALA A 147 -11.94 3.61 -3.78
N ILE A 148 -12.20 4.78 -4.35
CA ILE A 148 -12.93 5.83 -3.64
C ILE A 148 -14.41 5.80 -3.99
N ALA A 149 -14.88 4.66 -4.49
CA ALA A 149 -16.30 4.55 -4.83
C ALA A 149 -17.19 4.70 -3.60
N SER A 150 -16.74 4.16 -2.46
CA SER A 150 -17.52 4.29 -1.24
C SER A 150 -17.54 5.74 -0.74
N GLY A 151 -16.38 6.40 -0.76
CA GLY A 151 -16.32 7.78 -0.31
C GLY A 151 -17.07 8.73 -1.23
N VAL A 152 -17.02 8.46 -2.54
CA VAL A 152 -17.73 9.31 -3.49
C VAL A 152 -19.24 9.19 -3.30
N ALA A 153 -19.72 8.00 -2.95
CA ALA A 153 -21.14 7.83 -2.69
C ALA A 153 -21.58 8.61 -1.46
N VAL A 154 -20.67 8.77 -0.48
CA VAL A 154 -20.99 9.58 0.70
C VAL A 154 -20.96 11.05 0.35
N CYS A 155 -20.02 11.46 -0.51
CA CYS A 155 -19.97 12.86 -0.92
C CYS A 155 -21.14 13.21 -1.82
N LYS A 156 -21.68 12.24 -2.57
CA LYS A 156 -22.85 12.50 -3.39
C LYS A 156 -24.07 12.81 -2.54
N VAL A 157 -24.14 12.24 -1.33
CA VAL A 157 -25.29 12.49 -0.45
C VAL A 157 -25.23 13.88 0.14
N LEU A 158 -24.03 14.39 0.41
CA LEU A 158 -23.90 15.72 1.02
C LEU A 158 -24.39 16.84 0.11
N HIS A 159 -24.53 16.58 -1.19
CA HIS A 159 -25.06 17.58 -2.10
C HIS A 159 -26.58 17.67 -2.07
N LEU A 160 -27.25 16.65 -1.53
CA LEU A 160 -28.70 16.70 -1.39
C LEU A 160 -29.10 17.84 -0.46
N GLU A 161 -30.24 18.45 -0.75
CA GLU A 161 -30.64 19.65 -0.04
C GLU A 161 -30.92 19.34 1.43
N GLY A 162 -30.53 20.26 2.31
CA GLY A 162 -30.68 20.10 3.73
C GLY A 162 -29.71 19.13 4.38
N GLU A 163 -28.96 18.35 3.59
CA GLU A 163 -28.05 17.38 4.18
C GLU A 163 -26.88 18.05 4.87
N VAL A 164 -26.41 19.18 4.33
CA VAL A 164 -25.30 19.89 4.97
C VAL A 164 -25.78 20.58 6.25
N ASN A 165 -27.02 21.07 6.25
CA ASN A 165 -27.55 21.70 7.46
C ASN A 165 -27.66 20.72 8.61
N LYS A 166 -27.86 19.43 8.31
CA LYS A 166 -27.86 18.42 9.37
C LYS A 166 -26.50 18.33 10.04
N ILE A 167 -25.43 18.41 9.26
CA ILE A 167 -24.08 18.35 9.81
C ILE A 167 -23.74 19.63 10.57
N LYS A 168 -24.14 20.78 10.01
CA LYS A 168 -23.79 22.06 10.63
C LYS A 168 -24.39 22.19 12.02
N SER A 169 -25.60 21.65 12.22
CA SER A 169 -26.26 21.76 13.52
C SER A 169 -25.73 20.75 14.52
N ALA A 170 -25.32 19.56 14.06
CA ALA A 170 -24.79 18.56 14.97
C ALA A 170 -23.48 19.00 15.60
N LEU A 171 -22.66 19.74 14.84
CA LEU A 171 -21.37 20.23 15.33
C LEU A 171 -21.48 21.62 15.94
N LEU A 172 -22.67 22.04 16.35
CA LEU A 172 -22.84 23.38 16.88
C LEU A 172 -22.31 23.49 18.31
N SER A 173 -22.54 22.48 19.13
CA SER A 173 -22.13 22.49 20.52
C SER A 173 -20.89 21.65 20.79
N THR A 174 -20.40 20.91 19.79
CA THR A 174 -19.21 20.10 19.94
C THR A 174 -18.50 20.01 18.59
N ASN A 175 -17.26 19.50 18.62
CA ASN A 175 -16.45 19.34 17.43
C ASN A 175 -16.57 17.96 16.80
N LYS A 176 -17.18 17.01 17.51
CA LYS A 176 -17.12 15.58 17.16
C LYS A 176 -18.51 14.98 17.34
N ALA A 177 -19.05 14.39 16.29
CA ALA A 177 -20.41 13.88 16.34
C ALA A 177 -20.63 12.79 15.30
N VAL A 178 -21.53 11.87 15.62
CA VAL A 178 -22.00 10.84 14.69
C VAL A 178 -23.32 11.31 14.10
N VAL A 179 -23.44 11.26 12.77
CA VAL A 179 -24.62 11.72 12.06
C VAL A 179 -25.09 10.61 11.14
N SER A 180 -26.39 10.32 11.16
CA SER A 180 -27.00 9.37 10.24
C SER A 180 -27.53 10.14 9.04
N LEU A 181 -27.01 9.83 7.86
CA LEU A 181 -27.40 10.54 6.65
C LEU A 181 -28.76 10.06 6.15
N SER A 182 -29.27 10.78 5.14
CA SER A 182 -30.61 10.49 4.65
C SER A 182 -30.69 9.14 3.96
N ASN A 183 -29.59 8.69 3.35
CA ASN A 183 -29.58 7.39 2.68
C ASN A 183 -29.37 6.23 3.63
N GLY A 184 -29.08 6.50 4.90
CA GLY A 184 -28.96 5.47 5.91
C GLY A 184 -27.55 5.22 6.43
N VAL A 185 -26.53 5.82 5.83
CA VAL A 185 -25.16 5.60 6.26
C VAL A 185 -24.91 6.39 7.53
N SER A 186 -24.32 5.75 8.53
CA SER A 186 -23.98 6.37 9.79
C SER A 186 -22.49 6.74 9.77
N VAL A 187 -22.22 8.04 9.64
CA VAL A 187 -20.85 8.52 9.50
C VAL A 187 -20.48 9.35 10.72
N LEU A 188 -19.17 9.45 10.96
CA LEU A 188 -18.62 10.24 12.05
C LEU A 188 -18.15 11.58 11.49
N THR A 189 -18.62 12.66 12.08
CA THR A 189 -18.34 14.01 11.59
C THR A 189 -17.43 14.74 12.57
N PHE A 190 -16.48 15.50 12.03
CA PHE A 190 -15.46 16.15 12.82
C PHE A 190 -15.28 17.58 12.32
N LYS A 191 -15.34 18.54 13.24
CA LYS A 191 -15.03 19.94 12.95
C LYS A 191 -13.64 20.24 13.47
N VAL A 192 -12.68 20.42 12.55
CA VAL A 192 -11.28 20.55 12.93
C VAL A 192 -10.76 21.98 12.89
N LEU A 193 -11.53 22.92 12.34
CA LEU A 193 -11.08 24.31 12.29
C LEU A 193 -12.30 25.22 12.22
N ASP A 194 -12.44 26.09 13.21
CA ASP A 194 -13.56 27.04 13.27
C ASP A 194 -13.05 28.42 12.91
N LEU A 195 -12.76 28.61 11.61
CA LEU A 195 -12.32 29.92 11.15
C LEU A 195 -13.43 30.95 11.22
N LYS A 196 -14.70 30.52 11.12
CA LYS A 196 -15.81 31.44 11.27
C LYS A 196 -15.78 32.12 12.63
N ASN A 197 -15.55 31.34 13.69
CA ASN A 197 -15.51 31.92 15.04
C ASN A 197 -14.32 32.84 15.21
N TYR A 198 -13.17 32.50 14.60
CA TYR A 198 -11.99 33.34 14.79
C TYR A 198 -12.11 34.66 14.05
N ILE A 199 -12.60 34.63 12.80
CA ILE A 199 -12.68 35.85 12.02
C ILE A 199 -13.75 36.78 12.57
N ASP A 200 -14.92 36.23 12.92
CA ASP A 200 -16.04 37.07 13.36
C ASP A 200 -15.84 37.63 14.76
N LYS A 201 -15.00 37.01 15.59
CA LYS A 201 -14.78 37.49 16.95
C LYS A 201 -13.50 38.30 17.11
N GLN A 202 -12.51 38.10 16.25
CA GLN A 202 -11.23 38.78 16.39
C GLN A 202 -10.89 39.69 15.21
N LEU A 203 -11.11 39.25 13.98
CA LEU A 203 -10.77 40.05 12.82
C LEU A 203 -11.84 41.05 12.44
N LEU A 204 -13.10 40.73 12.68
CA LEU A 204 -14.20 41.63 12.36
C LEU A 204 -14.21 42.87 13.25
N PRO A 205 -13.93 42.78 14.56
CA PRO A 205 -13.88 44.00 15.39
C PRO A 205 -12.85 45.03 14.94
N ILE A 206 -11.91 44.67 14.05
CA ILE A 206 -10.98 45.65 13.49
C ILE A 206 -11.51 46.28 12.21
N LEU A 207 -12.72 45.92 11.79
CA LEU A 207 -13.32 46.56 10.62
C LEU A 207 -14.82 46.81 10.85
N CYS A 212 -10.39 52.09 11.46
CA CYS A 212 -9.73 50.83 11.80
C CYS A 212 -8.38 51.09 12.47
N SER A 213 -7.39 50.26 12.14
CA SER A 213 -6.03 50.37 12.67
C SER A 213 -6.01 50.24 14.19
N ILE A 214 -6.86 49.36 14.72
CA ILE A 214 -6.87 49.04 16.14
C ILE A 214 -6.07 47.76 16.42
N SER A 215 -5.24 47.34 15.47
CA SER A 215 -4.65 46.02 15.48
C SER A 215 -3.28 46.01 16.16
N ASN A 216 -2.75 44.81 16.34
CA ASN A 216 -1.43 44.58 16.91
C ASN A 216 -0.74 43.49 16.09
N ILE A 217 0.55 43.28 16.39
CA ILE A 217 1.30 42.26 15.67
C ILE A 217 0.95 40.85 16.16
N GLU A 218 0.38 40.72 17.35
CA GLU A 218 0.07 39.40 17.90
C GLU A 218 -1.11 38.75 17.19
N THR A 219 -2.00 39.56 16.62
CA THR A 219 -3.13 39.01 15.87
C THR A 219 -2.75 38.67 14.44
N VAL A 220 -1.74 39.34 13.88
CA VAL A 220 -1.26 39.00 12.55
C VAL A 220 -0.64 37.61 12.56
N ILE A 221 0.12 37.28 13.61
CA ILE A 221 0.76 35.99 13.69
C ILE A 221 -0.26 34.89 13.92
N GLU A 222 -1.21 35.11 14.83
CA GLU A 222 -2.19 34.10 15.16
C GLU A 222 -3.11 33.79 13.97
N PHE A 223 -3.42 34.81 13.16
CA PHE A 223 -4.27 34.56 12.00
C PHE A 223 -3.50 33.81 10.92
N GLN A 224 -2.22 34.13 10.74
CA GLN A 224 -1.41 33.39 9.77
C GLN A 224 -1.29 31.92 10.15
N GLN A 225 -1.31 31.61 11.45
CA GLN A 225 -1.18 30.23 11.89
C GLN A 225 -2.46 29.45 11.63
N LYS A 226 -3.61 30.01 12.01
CA LYS A 226 -4.88 29.32 11.80
C LYS A 226 -5.20 29.18 10.31
N ASN A 227 -4.94 30.24 9.53
CA ASN A 227 -5.23 30.20 8.11
C ASN A 227 -4.28 29.30 7.34
N ASN A 228 -3.11 28.99 7.90
CA ASN A 228 -2.11 28.22 7.16
C ASN A 228 -2.62 26.82 6.84
N ARG A 229 -3.40 26.22 7.74
CA ARG A 229 -3.90 24.87 7.48
C ARG A 229 -4.88 24.86 6.32
N LEU A 230 -5.76 25.86 6.24
CA LEU A 230 -6.68 25.92 5.11
C LEU A 230 -5.94 26.10 3.80
N LEU A 231 -4.89 26.93 3.81
CA LEU A 231 -4.11 27.14 2.60
C LEU A 231 -3.39 25.87 2.16
N GLU A 232 -2.89 25.09 3.12
CA GLU A 232 -2.17 23.87 2.76
C GLU A 232 -3.11 22.78 2.27
N ILE A 233 -4.28 22.66 2.91
CA ILE A 233 -5.29 21.72 2.41
C ILE A 233 -5.68 22.09 0.99
N THR A 234 -5.76 23.38 0.69
CA THR A 234 -6.06 23.81 -0.66
C THR A 234 -4.94 23.43 -1.63
N ARG A 235 -3.68 23.64 -1.23
CA ARG A 235 -2.56 23.30 -2.11
C ARG A 235 -2.56 21.82 -2.46
N GLU A 236 -2.82 20.95 -1.48
CA GLU A 236 -2.82 19.52 -1.75
C GLU A 236 -3.93 19.15 -2.73
N PHE A 237 -5.13 19.69 -2.53
CA PHE A 237 -6.24 19.38 -3.43
C PHE A 237 -6.01 19.94 -4.82
N SER A 238 -5.25 21.03 -4.93
CA SER A 238 -5.03 21.65 -6.24
C SER A 238 -4.09 20.81 -7.11
N VAL A 239 -3.11 20.15 -6.51
CA VAL A 239 -2.17 19.32 -7.26
C VAL A 239 -2.57 17.86 -7.28
N ASN A 240 -3.77 17.53 -6.78
CA ASN A 240 -4.23 16.15 -6.73
C ASN A 240 -5.66 15.98 -7.26
N ALA A 241 -6.22 17.03 -7.87
CA ALA A 241 -7.58 16.98 -8.42
C ALA A 241 -8.60 16.55 -7.38
N GLY A 242 -8.40 16.99 -6.14
CA GLY A 242 -9.38 16.80 -5.08
C GLY A 242 -9.38 15.44 -4.42
N VAL A 243 -8.44 14.55 -4.76
CA VAL A 243 -8.33 13.25 -4.12
C VAL A 243 -6.86 13.03 -3.78
N THR A 244 -6.55 12.96 -2.49
CA THR A 244 -5.18 12.80 -2.04
C THR A 244 -5.02 11.49 -1.29
N THR A 245 -3.79 10.95 -1.36
CA THR A 245 -3.38 9.76 -0.62
C THR A 245 -1.86 9.67 -0.67
N PRO A 246 -1.19 9.42 0.47
CA PRO A 246 -1.77 9.27 1.81
C PRO A 246 -2.38 10.55 2.37
N VAL A 247 -3.15 10.43 3.45
CA VAL A 247 -3.80 11.57 4.07
C VAL A 247 -2.77 12.30 4.95
N SER A 248 -2.46 13.54 4.57
CA SER A 248 -1.41 14.28 5.25
C SER A 248 -1.87 14.75 6.62
N THR A 249 -0.93 15.32 7.38
CA THR A 249 -1.26 15.85 8.70
C THR A 249 -2.06 17.14 8.63
N TYR A 250 -2.08 17.80 7.47
CA TYR A 250 -2.94 18.97 7.31
C TYR A 250 -4.40 18.56 7.17
N MET A 251 -4.67 17.48 6.42
CA MET A 251 -6.03 16.97 6.33
C MET A 251 -6.51 16.43 7.67
N LEU A 252 -5.62 15.75 8.38
CA LEU A 252 -5.99 15.09 9.65
C LEU A 252 -4.73 15.00 10.49
N THR A 253 -4.67 15.77 11.56
CA THR A 253 -3.50 15.73 12.42
C THR A 253 -3.45 14.42 13.20
N ASN A 254 -2.27 14.12 13.73
CA ASN A 254 -2.06 12.85 14.42
C ASN A 254 -2.99 12.72 15.62
N SER A 255 -3.19 13.81 16.37
CA SER A 255 -4.10 13.76 17.50
C SER A 255 -5.55 13.63 17.04
N GLU A 256 -5.90 14.27 15.92
CA GLU A 256 -7.25 14.12 15.38
C GLU A 256 -7.49 12.71 14.88
N LEU A 257 -6.52 12.12 14.18
CA LEU A 257 -6.67 10.77 13.66
C LEU A 257 -6.78 9.75 14.79
N LEU A 258 -5.94 9.89 15.82
CA LEU A 258 -5.99 8.95 16.94
C LEU A 258 -7.34 8.99 17.64
N SER A 259 -7.89 10.18 17.85
CA SER A 259 -9.21 10.29 18.46
C SER A 259 -10.30 9.84 17.51
N LEU A 260 -10.11 10.05 16.20
CA LEU A 260 -11.06 9.52 15.23
C LEU A 260 -11.09 8.00 15.26
N ILE A 261 -9.92 7.37 15.38
CA ILE A 261 -9.86 5.91 15.49
C ILE A 261 -10.52 5.46 16.78
N ASN A 262 -10.37 6.23 17.86
CA ASN A 262 -10.93 5.82 19.14
C ASN A 262 -12.46 5.88 19.12
N ASP A 263 -13.02 6.92 18.53
CA ASP A 263 -14.47 7.06 18.42
C ASP A 263 -15.06 6.28 17.24
N MET A 264 -14.37 5.26 16.77
CA MET A 264 -14.76 4.50 15.60
C MET A 264 -15.42 3.19 16.00
N PRO A 265 -16.51 2.80 15.36
CA PRO A 265 -17.19 1.54 15.70
C PRO A 265 -16.43 0.32 15.20
N ILE A 266 -15.39 -0.09 15.93
CA ILE A 266 -14.59 -1.25 15.60
C ILE A 266 -14.21 -1.97 16.89
N THR A 267 -13.59 -3.14 16.73
CA THR A 267 -13.17 -3.92 17.87
C THR A 267 -12.02 -3.23 18.62
N ASN A 268 -11.81 -3.65 19.87
CA ASN A 268 -10.67 -3.12 20.62
C ASN A 268 -9.35 -3.53 19.99
N ASP A 269 -9.32 -4.68 19.31
CA ASP A 269 -8.11 -5.11 18.63
C ASP A 269 -7.82 -4.27 17.39
N GLN A 270 -8.86 -3.81 16.71
CA GLN A 270 -8.66 -2.92 15.56
C GLN A 270 -8.16 -1.55 15.99
N LYS A 271 -8.66 -1.05 17.13
CA LYS A 271 -8.24 0.26 17.61
C LYS A 271 -6.76 0.25 17.97
N LYS A 272 -6.33 -0.74 18.79
CA LYS A 272 -4.94 -0.81 19.19
C LYS A 272 -4.03 -1.01 17.98
N LEU A 273 -4.48 -1.78 16.99
CA LEU A 273 -3.69 -1.98 15.79
C LEU A 273 -3.53 -0.68 15.01
N MET A 274 -4.64 0.03 14.76
CA MET A 274 -4.57 1.27 14.00
C MET A 274 -3.82 2.36 14.76
N SER A 275 -3.93 2.37 16.09
CA SER A 275 -3.25 3.41 16.87
C SER A 275 -1.74 3.18 16.91
N ASN A 276 -1.31 1.92 16.89
CA ASN A 276 0.11 1.61 16.90
C ASN A 276 0.75 1.67 15.52
N ASN A 277 -0.03 1.89 14.47
CA ASN A 277 0.47 1.95 13.11
C ASN A 277 -0.26 3.05 12.33
N VAL A 278 -0.30 4.26 12.90
CA VAL A 278 -1.02 5.36 12.25
C VAL A 278 -0.38 5.72 10.92
N GLN A 279 0.94 5.60 10.80
CA GLN A 279 1.60 5.93 9.54
C GLN A 279 1.15 5.01 8.42
N ILE A 280 0.79 3.77 8.74
CA ILE A 280 0.26 2.86 7.73
C ILE A 280 -1.18 3.20 7.40
N VAL A 281 -1.97 3.58 8.41
CA VAL A 281 -3.36 3.97 8.17
C VAL A 281 -3.43 5.15 7.21
N ARG A 282 -2.49 6.09 7.34
CA ARG A 282 -2.44 7.22 6.42
C ARG A 282 -2.20 6.74 4.98
N GLN A 283 -1.21 5.86 4.79
CA GLN A 283 -0.87 5.40 3.46
C GLN A 283 -2.00 4.59 2.81
N GLN A 284 -2.92 4.06 3.61
CA GLN A 284 -4.04 3.30 3.08
C GLN A 284 -5.35 4.07 3.13
N SER A 285 -5.29 5.38 3.33
CA SER A 285 -6.49 6.21 3.37
C SER A 285 -6.52 7.18 2.19
N TYR A 286 -7.70 7.68 1.90
CA TYR A 286 -7.91 8.70 0.88
C TYR A 286 -8.60 9.91 1.50
N SER A 287 -8.22 11.10 1.05
CA SER A 287 -8.90 12.33 1.43
C SER A 287 -9.59 12.86 0.18
N ILE A 288 -10.92 12.89 0.22
CA ILE A 288 -11.74 13.25 -0.95
C ILE A 288 -12.36 14.61 -0.70
N MET A 289 -12.02 15.57 -1.56
CA MET A 289 -12.66 16.88 -1.50
C MET A 289 -14.13 16.75 -1.85
N CYS A 290 -15.00 17.39 -1.06
CA CYS A 290 -16.43 17.16 -1.25
C CYS A 290 -17.21 18.42 -1.61
N ILE A 291 -17.63 19.20 -0.61
CA ILE A 291 -18.60 20.27 -0.84
C ILE A 291 -18.21 21.51 -0.05
N ILE A 292 -18.52 22.68 -0.61
CA ILE A 292 -18.48 23.96 0.10
C ILE A 292 -19.87 24.58 -0.04
N LYS A 293 -20.65 24.57 1.03
CA LYS A 293 -22.01 25.06 1.00
C LYS A 293 -22.40 25.54 2.39
N GLU A 294 -22.93 26.77 2.45
CA GLU A 294 -23.46 27.34 3.68
C GLU A 294 -22.38 27.43 4.77
N GLU A 295 -21.28 28.10 4.42
CA GLU A 295 -20.18 28.40 5.33
C GLU A 295 -19.50 27.15 5.88
N VAL A 296 -19.70 26.01 5.23
CA VAL A 296 -19.14 24.73 5.69
C VAL A 296 -18.25 24.17 4.59
N LEU A 297 -17.00 23.88 4.94
CA LEU A 297 -16.08 23.17 4.05
C LEU A 297 -15.98 21.73 4.53
N ALA A 298 -16.45 20.80 3.71
CA ALA A 298 -16.48 19.38 4.06
C ALA A 298 -15.66 18.59 3.06
N TYR A 299 -14.83 17.68 3.55
CA TYR A 299 -14.13 16.72 2.72
C TYR A 299 -14.14 15.37 3.42
N VAL A 300 -14.37 14.32 2.65
CA VAL A 300 -14.51 12.97 3.20
C VAL A 300 -13.13 12.35 3.34
N VAL A 301 -12.86 11.79 4.52
CA VAL A 301 -11.68 10.96 4.75
C VAL A 301 -12.13 9.51 4.80
N GLN A 302 -11.50 8.68 3.99
CA GLN A 302 -11.88 7.28 3.82
C GLN A 302 -10.78 6.42 4.43
N LEU A 303 -11.08 5.76 5.58
CA LEU A 303 -10.13 5.01 6.39
C LEU A 303 -10.30 3.51 6.18
N PRO A 304 -9.22 2.75 6.33
CA PRO A 304 -9.30 1.30 6.09
C PRO A 304 -9.92 0.53 7.24
N LEU A 305 -10.62 -0.53 6.89
CA LEU A 305 -11.14 -1.50 7.84
C LEU A 305 -10.32 -2.78 7.72
N TYR A 306 -9.79 -3.26 8.85
CA TYR A 306 -8.98 -4.48 8.87
C TYR A 306 -9.82 -5.63 9.43
N GLY A 307 -10.62 -6.23 8.54
CA GLY A 307 -11.45 -7.35 8.94
C GLY A 307 -10.69 -8.64 9.17
N VAL A 308 -9.49 -8.75 8.63
CA VAL A 308 -8.63 -9.91 8.82
C VAL A 308 -7.39 -9.46 9.58
N ILE A 309 -7.21 -9.99 10.78
CA ILE A 309 -6.15 -9.58 11.69
C ILE A 309 -5.55 -10.82 12.32
N ASP A 310 -4.21 -10.89 12.37
CA ASP A 310 -3.46 -11.90 13.12
C ASP A 310 -3.65 -13.30 12.55
N THR A 311 -3.80 -13.43 11.24
CA THR A 311 -3.76 -14.75 10.64
C THR A 311 -2.37 -15.00 10.06
N PRO A 312 -1.96 -16.26 9.94
CA PRO A 312 -0.61 -16.56 9.44
C PRO A 312 -0.38 -16.00 8.04
N CYS A 313 0.80 -15.43 7.83
CA CYS A 313 1.22 -14.95 6.53
C CYS A 313 2.61 -15.48 6.23
N TRP A 314 2.91 -15.63 4.93
CA TRP A 314 4.22 -16.05 4.49
C TRP A 314 4.51 -15.48 3.12
N LYS A 315 5.78 -15.20 2.86
CA LYS A 315 6.22 -14.59 1.62
C LYS A 315 7.01 -15.60 0.79
N LEU A 316 6.58 -15.84 -0.44
CA LEU A 316 7.22 -16.78 -1.33
C LEU A 316 8.15 -16.03 -2.29
N HIS A 317 9.43 -16.36 -2.25
CA HIS A 317 10.43 -15.80 -3.16
C HIS A 317 10.79 -16.86 -4.19
N THR A 318 10.86 -16.45 -5.46
CA THR A 318 11.23 -17.36 -6.53
C THR A 318 12.32 -16.73 -7.39
N SER A 319 13.14 -17.59 -7.99
CA SER A 319 14.23 -17.19 -8.87
C SER A 319 14.34 -18.21 -9.99
N PRO A 320 14.86 -17.80 -11.15
CA PRO A 320 14.94 -18.73 -12.29
C PRO A 320 15.80 -19.94 -12.00
N LEU A 321 15.32 -21.11 -12.42
CA LEU A 321 16.02 -22.37 -12.28
C LEU A 321 16.37 -22.88 -13.67
N CYS A 322 17.66 -22.92 -13.99
CA CYS A 322 18.13 -23.27 -15.32
C CYS A 322 19.12 -24.43 -15.25
N THR A 323 19.34 -25.06 -16.40
CA THR A 323 20.40 -26.04 -16.53
C THR A 323 21.74 -25.34 -16.69
N THR A 324 22.81 -26.09 -16.45
CA THR A 324 24.15 -25.53 -16.39
C THR A 324 25.07 -26.16 -17.43
N ASN A 325 24.52 -26.46 -18.62
CA ASN A 325 25.34 -27.03 -19.67
C ASN A 325 26.38 -26.03 -20.15
N THR A 326 27.48 -26.55 -20.70
CA THR A 326 28.61 -25.72 -21.07
C THR A 326 28.33 -24.91 -22.35
N LYS A 327 27.76 -25.55 -23.36
CA LYS A 327 27.49 -24.85 -24.61
C LYS A 327 26.37 -23.84 -24.42
N GLU A 328 26.64 -22.58 -24.78
CA GLU A 328 25.67 -21.52 -24.58
C GLU A 328 24.48 -21.69 -25.51
N GLY A 329 23.28 -21.43 -24.97
CA GLY A 329 22.05 -21.48 -25.72
C GLY A 329 21.27 -22.77 -25.58
N SER A 330 21.95 -23.88 -25.27
CA SER A 330 21.29 -25.17 -25.12
C SER A 330 20.69 -25.36 -23.72
N ASN A 331 20.54 -24.29 -22.95
CA ASN A 331 20.02 -24.37 -21.60
C ASN A 331 18.54 -24.05 -21.57
N ILE A 332 17.81 -24.74 -20.69
CA ILE A 332 16.39 -24.52 -20.49
C ILE A 332 16.17 -24.01 -19.08
N CYS A 333 15.20 -23.13 -18.91
CA CYS A 333 14.95 -22.48 -17.62
C CYS A 333 13.50 -22.68 -17.22
N LEU A 334 13.25 -22.48 -15.92
CA LEU A 334 11.95 -22.71 -15.32
C LEU A 334 11.85 -21.86 -14.08
N THR A 335 10.76 -21.11 -13.95
CA THR A 335 10.60 -20.19 -12.82
C THR A 335 9.19 -20.30 -12.26
N ARG A 336 9.09 -20.51 -10.96
CA ARG A 336 7.80 -20.44 -10.29
C ARG A 336 7.28 -19.01 -10.33
N THR A 337 6.08 -18.82 -10.87
CA THR A 337 5.50 -17.50 -11.05
C THR A 337 4.58 -17.08 -9.90
N ASP A 338 4.38 -17.96 -8.91
CA ASP A 338 3.45 -17.69 -7.82
C ASP A 338 4.10 -17.00 -6.63
N ARG A 339 5.12 -16.16 -6.87
CA ARG A 339 5.75 -15.43 -5.79
C ARG A 339 4.85 -14.29 -5.32
N GLY A 340 5.06 -13.89 -4.07
CA GLY A 340 4.29 -12.82 -3.47
C GLY A 340 3.98 -13.16 -2.03
N TRP A 341 3.03 -12.41 -1.47
CA TRP A 341 2.58 -12.63 -0.10
C TRP A 341 1.36 -13.54 -0.09
N TYR A 342 1.31 -14.43 0.91
CA TYR A 342 0.18 -15.31 1.14
C TYR A 342 -0.28 -15.16 2.58
N CYS A 343 -1.58 -15.07 2.80
CA CYS A 343 -2.13 -15.01 4.14
C CYS A 343 -3.39 -15.86 4.23
N ASP A 344 -3.47 -16.68 5.27
CA ASP A 344 -4.68 -17.45 5.52
C ASP A 344 -5.85 -16.50 5.76
N ASN A 345 -6.97 -16.75 5.08
CA ASN A 345 -8.10 -15.83 5.14
C ASN A 345 -9.38 -16.60 4.84
N ALA A 346 -10.14 -16.93 5.88
CA ALA A 346 -11.51 -17.45 5.76
C ALA A 346 -11.57 -18.76 4.98
N GLY A 347 -10.74 -19.72 5.38
CA GLY A 347 -10.70 -21.02 4.75
C GLY A 347 -9.92 -21.07 3.46
N SER A 348 -9.70 -19.94 2.80
CA SER A 348 -8.91 -19.85 1.59
C SER A 348 -7.57 -19.21 1.92
N VAL A 349 -6.85 -18.82 0.87
CA VAL A 349 -5.58 -18.10 1.02
C VAL A 349 -5.66 -16.86 0.15
N SER A 350 -5.42 -15.70 0.75
CA SER A 350 -5.34 -14.44 0.01
C SER A 350 -3.92 -14.30 -0.52
N PHE A 351 -3.78 -14.29 -1.85
CA PHE A 351 -2.49 -14.24 -2.51
C PHE A 351 -2.29 -12.88 -3.16
N PHE A 352 -1.18 -12.23 -2.83
CA PHE A 352 -0.87 -10.90 -3.33
C PHE A 352 0.31 -11.01 -4.30
N PRO A 353 0.08 -11.03 -5.61
CA PRO A 353 1.15 -11.34 -6.56
C PRO A 353 2.28 -10.33 -6.57
N GLN A 354 1.99 -9.06 -6.26
CA GLN A 354 2.98 -8.00 -6.29
C GLN A 354 3.29 -7.61 -4.85
N ALA A 355 4.21 -8.35 -4.24
CA ALA A 355 4.58 -8.15 -2.84
C ALA A 355 5.00 -6.71 -2.52
N GLU A 356 5.26 -5.89 -3.53
CA GLU A 356 5.58 -4.49 -3.30
C GLU A 356 4.36 -3.65 -2.92
N THR A 357 3.16 -4.23 -2.93
CA THR A 357 1.97 -3.51 -2.52
C THR A 357 1.67 -3.66 -1.04
N CYS A 358 2.30 -4.62 -0.37
CA CYS A 358 2.11 -4.84 1.06
C CYS A 358 3.21 -4.12 1.84
N LYS A 359 2.84 -3.59 3.00
CA LYS A 359 3.76 -2.89 3.89
C LYS A 359 3.99 -3.74 5.13
N VAL A 360 5.26 -3.95 5.47
CA VAL A 360 5.64 -4.82 6.58
C VAL A 360 6.17 -3.97 7.72
N GLN A 361 5.59 -4.14 8.90
CA GLN A 361 6.05 -3.50 10.13
C GLN A 361 6.44 -4.59 11.12
N SER A 362 7.76 -4.76 11.32
CA SER A 362 8.30 -5.86 12.12
C SER A 362 7.83 -7.20 11.58
N ASN A 363 6.80 -7.80 12.19
CA ASN A 363 6.22 -9.04 11.70
C ASN A 363 4.77 -8.89 11.27
N ARG A 364 4.23 -7.67 11.30
CA ARG A 364 2.87 -7.42 10.83
C ARG A 364 2.90 -7.06 9.35
N VAL A 365 1.94 -7.58 8.59
CA VAL A 365 1.88 -7.38 7.15
C VAL A 365 0.56 -6.70 6.82
N PHE A 366 0.64 -5.49 6.30
CA PHE A 366 -0.54 -4.71 5.90
C PHE A 366 -0.71 -4.83 4.39
N CYS A 367 -1.81 -5.43 3.97
CA CYS A 367 -2.13 -5.58 2.56
C CYS A 367 -3.55 -5.11 2.30
N ASP A 368 -3.89 -5.03 1.01
CA ASP A 368 -5.21 -4.63 0.56
C ASP A 368 -5.78 -5.76 -0.28
N THR A 369 -6.96 -6.26 0.10
CA THR A 369 -7.55 -7.38 -0.61
C THR A 369 -7.88 -7.04 -2.06
N MET A 370 -7.96 -5.75 -2.40
CA MET A 370 -8.17 -5.35 -3.78
C MET A 370 -7.03 -5.81 -4.68
N ASN A 371 -5.84 -6.00 -4.12
CA ASN A 371 -4.67 -6.47 -4.85
C ASN A 371 -4.38 -7.94 -4.59
N SER A 372 -5.41 -8.75 -4.41
CA SER A 372 -5.24 -10.15 -4.05
C SER A 372 -6.09 -11.04 -4.94
N LEU A 373 -5.66 -12.29 -5.02
CA LEU A 373 -6.48 -13.38 -5.55
C LEU A 373 -6.81 -14.32 -4.40
N THR A 374 -7.97 -14.98 -4.51
CA THR A 374 -8.43 -15.91 -3.50
C THR A 374 -8.19 -17.33 -4.02
N LEU A 375 -7.18 -17.99 -3.49
CA LEU A 375 -6.74 -19.30 -3.95
C LEU A 375 -7.06 -20.38 -2.91
N PRO A 376 -7.20 -21.63 -3.34
CA PRO A 376 -7.36 -22.71 -2.36
C PRO A 376 -6.12 -22.84 -1.50
N SER A 377 -6.33 -23.30 -0.26
CA SER A 377 -5.20 -23.48 0.65
C SER A 377 -4.23 -24.56 0.18
N GLU A 378 -4.65 -25.41 -0.77
CA GLU A 378 -3.78 -26.41 -1.36
C GLU A 378 -2.64 -25.80 -2.17
N VAL A 379 -2.67 -24.48 -2.41
CA VAL A 379 -1.58 -23.83 -3.11
C VAL A 379 -0.28 -23.95 -2.33
N ASN A 380 -0.37 -24.17 -1.01
CA ASN A 380 0.82 -24.33 -0.20
C ASN A 380 1.60 -25.60 -0.53
N LEU A 381 0.96 -26.57 -1.18
CA LEU A 381 1.64 -27.82 -1.53
C LEU A 381 2.74 -27.62 -2.55
N CYS A 382 2.69 -26.54 -3.33
CA CYS A 382 3.72 -26.29 -4.33
C CYS A 382 5.09 -26.05 -3.71
N ASN A 383 5.15 -25.71 -2.42
CA ASN A 383 6.43 -25.47 -1.78
C ASN A 383 7.13 -26.78 -1.43
N VAL A 384 6.38 -27.76 -0.93
CA VAL A 384 6.97 -29.03 -0.55
C VAL A 384 7.11 -29.93 -1.76
N ASP A 385 6.02 -30.13 -2.51
CA ASP A 385 6.01 -31.00 -3.69
C ASP A 385 5.34 -30.23 -4.83
N ILE A 386 6.16 -29.68 -5.74
CA ILE A 386 5.64 -28.95 -6.88
C ILE A 386 4.91 -29.86 -7.86
N PHE A 387 5.02 -31.18 -7.72
CA PHE A 387 4.35 -32.12 -8.59
C PHE A 387 3.12 -32.75 -7.95
N ASN A 388 2.62 -32.15 -6.87
CA ASN A 388 1.48 -32.73 -6.18
C ASN A 388 0.25 -32.75 -7.09
N PRO A 389 -0.61 -33.76 -6.94
CA PRO A 389 -1.79 -33.86 -7.81
C PRO A 389 -2.98 -33.03 -7.35
N LYS A 390 -2.87 -32.30 -6.25
CA LYS A 390 -4.00 -31.52 -5.73
C LYS A 390 -4.05 -30.10 -6.28
N TYR A 391 -2.92 -29.52 -6.69
CA TYR A 391 -2.89 -28.16 -7.18
C TYR A 391 -1.89 -28.05 -8.33
N ASP A 392 -2.30 -27.38 -9.41
CA ASP A 392 -1.46 -27.20 -10.59
C ASP A 392 -0.59 -25.98 -10.37
N CYS A 393 0.68 -26.22 -10.03
CA CYS A 393 1.58 -25.14 -9.65
C CYS A 393 1.99 -24.32 -10.88
N LYS A 394 1.96 -23.00 -10.74
CA LYS A 394 2.19 -22.10 -11.86
C LYS A 394 3.69 -21.85 -12.04
N ILE A 395 4.16 -22.04 -13.27
CA ILE A 395 5.56 -21.84 -13.63
C ILE A 395 5.61 -21.08 -14.95
N MET A 396 6.82 -20.61 -15.27
CA MET A 396 7.11 -20.11 -16.61
C MET A 396 8.38 -20.77 -17.12
N THR A 397 8.44 -21.00 -18.42
CA THR A 397 9.59 -21.61 -19.06
C THR A 397 10.31 -20.59 -19.94
N SER A 398 11.60 -20.79 -20.14
CA SER A 398 12.42 -19.83 -20.86
C SER A 398 13.75 -20.48 -21.19
N LYS A 399 14.46 -19.86 -22.14
CA LYS A 399 15.86 -20.19 -22.41
C LYS A 399 16.80 -19.09 -21.92
N THR A 400 16.26 -18.08 -21.23
CA THR A 400 17.05 -16.92 -20.81
C THR A 400 17.68 -17.24 -19.46
N ASP A 401 18.92 -17.72 -19.50
CA ASP A 401 19.68 -18.07 -18.30
C ASP A 401 20.60 -16.91 -17.95
N VAL A 402 20.01 -15.88 -17.37
CA VAL A 402 20.76 -14.72 -16.88
C VAL A 402 20.88 -14.82 -15.36
N SER A 403 21.98 -14.29 -14.83
CA SER A 403 22.24 -14.37 -13.41
C SER A 403 21.55 -13.23 -12.67
N SER A 404 21.11 -13.52 -11.45
CA SER A 404 20.49 -12.53 -10.59
C SER A 404 20.42 -13.09 -9.18
N SER A 405 19.96 -12.24 -8.26
CA SER A 405 19.76 -12.64 -6.87
C SER A 405 18.44 -12.09 -6.38
N VAL A 406 17.86 -12.77 -5.40
CA VAL A 406 16.64 -12.31 -4.73
C VAL A 406 16.94 -12.27 -3.23
N ILE A 407 16.86 -11.08 -2.65
CA ILE A 407 17.08 -10.92 -1.22
C ILE A 407 15.80 -11.29 -0.49
N THR A 408 15.89 -12.31 0.36
CA THR A 408 14.72 -12.80 1.11
C THR A 408 14.67 -12.12 2.48
N SER A 409 13.76 -12.57 3.33
CA SER A 409 13.64 -11.99 4.66
C SER A 409 14.85 -12.31 5.52
N LEU A 410 15.40 -13.51 5.38
CA LEU A 410 16.49 -13.98 6.23
C LEU A 410 17.69 -14.47 5.45
N GLY A 411 17.72 -14.28 4.13
CA GLY A 411 18.85 -14.74 3.37
C GLY A 411 18.89 -14.20 1.96
N ALA A 412 19.41 -14.98 1.03
CA ALA A 412 19.50 -14.56 -0.36
C ALA A 412 19.52 -15.78 -1.27
N ILE A 413 18.67 -15.77 -2.28
CA ILE A 413 18.70 -16.76 -3.36
C ILE A 413 19.64 -16.25 -4.43
N VAL A 414 20.48 -17.13 -4.96
CA VAL A 414 21.42 -16.75 -6.01
C VAL A 414 21.22 -17.68 -7.20
N SER A 415 20.94 -17.10 -8.36
CA SER A 415 20.84 -17.83 -9.61
C SER A 415 22.06 -17.45 -10.45
N CYS A 416 23.10 -18.29 -10.40
CA CYS A 416 24.34 -18.02 -11.10
C CYS A 416 24.42 -18.90 -12.34
N TYR A 417 24.56 -18.28 -13.50
CA TYR A 417 24.64 -19.01 -14.75
C TYR A 417 25.67 -18.37 -15.67
N GLY A 418 26.23 -19.19 -16.57
CA GLY A 418 27.20 -18.67 -17.52
C GLY A 418 28.53 -18.35 -16.87
N LYS A 419 29.09 -17.20 -17.25
CA LYS A 419 30.38 -16.75 -16.76
C LYS A 419 30.27 -15.70 -15.65
N THR A 420 29.14 -15.66 -14.95
CA THR A 420 28.92 -14.63 -13.95
C THR A 420 29.64 -14.96 -12.65
N LYS A 421 30.16 -13.92 -12.01
CA LYS A 421 30.86 -14.04 -10.73
C LYS A 421 29.85 -13.76 -9.61
N CYS A 422 29.50 -14.80 -8.86
CA CYS A 422 28.53 -14.70 -7.78
C CYS A 422 29.20 -15.08 -6.47
N THR A 423 29.18 -14.16 -5.49
CA THR A 423 29.83 -14.39 -4.20
C THR A 423 28.93 -13.89 -3.07
N ALA A 424 29.29 -14.29 -1.86
CA ALA A 424 28.68 -13.79 -0.63
C ALA A 424 29.80 -13.37 0.30
N SER A 425 29.71 -12.16 0.83
CA SER A 425 30.81 -11.58 1.60
C SER A 425 30.34 -11.16 2.98
N ASN A 426 31.32 -10.78 3.80
CA ASN A 426 31.14 -10.23 5.13
C ASN A 426 31.82 -8.86 5.18
N LYS A 427 31.51 -8.09 6.22
CA LYS A 427 32.10 -6.77 6.36
C LYS A 427 33.62 -6.85 6.44
N ASN A 428 34.15 -7.51 7.46
CA ASN A 428 35.57 -7.42 7.75
C ASN A 428 36.40 -8.41 6.95
N ARG A 429 35.86 -9.62 6.73
CA ARG A 429 36.66 -10.71 6.17
C ARG A 429 36.60 -10.81 4.66
N GLY A 430 35.55 -10.30 4.03
CA GLY A 430 35.42 -10.38 2.59
C GLY A 430 34.66 -11.60 2.13
N ILE A 431 35.05 -12.16 0.98
CA ILE A 431 34.32 -13.28 0.40
C ILE A 431 34.43 -14.50 1.30
N ILE A 432 33.29 -15.11 1.59
CA ILE A 432 33.26 -16.36 2.34
C ILE A 432 32.65 -17.52 1.55
N LYS A 433 31.83 -17.24 0.53
CA LYS A 433 31.28 -18.29 -0.31
C LYS A 433 31.33 -17.85 -1.76
N THR A 434 31.67 -18.78 -2.65
CA THR A 434 31.67 -18.55 -4.09
C THR A 434 30.65 -19.50 -4.71
N PHE A 435 29.58 -18.94 -5.27
CA PHE A 435 28.53 -19.76 -5.84
C PHE A 435 28.95 -20.36 -7.17
N SER A 436 28.59 -21.62 -7.39
CA SER A 436 28.78 -22.27 -8.67
C SER A 436 27.52 -22.16 -9.51
N ASN A 437 27.61 -22.60 -10.76
CA ASN A 437 26.48 -22.50 -11.67
C ASN A 437 25.29 -23.29 -11.15
N GLY A 438 24.12 -22.65 -11.15
CA GLY A 438 22.89 -23.20 -10.62
C GLY A 438 22.23 -22.21 -9.70
N CYS A 439 21.19 -22.67 -9.01
CA CYS A 439 20.46 -21.86 -8.04
C CYS A 439 20.80 -22.32 -6.63
N ASP A 440 21.26 -21.39 -5.80
CA ASP A 440 21.70 -21.70 -4.46
C ASP A 440 21.16 -20.63 -3.50
N TYR A 441 21.51 -20.77 -2.23
CA TYR A 441 20.96 -19.94 -1.18
C TYR A 441 21.97 -19.79 -0.06
N VAL A 442 21.93 -18.66 0.63
CA VAL A 442 22.78 -18.39 1.78
C VAL A 442 21.95 -17.61 2.80
N SER A 443 22.18 -17.88 4.07
CA SER A 443 21.45 -17.20 5.13
C SER A 443 22.19 -15.94 5.57
N ASN A 444 21.44 -14.99 6.10
CA ASN A 444 22.03 -13.72 6.51
C ASN A 444 22.89 -13.84 7.77
N LYS A 445 22.94 -15.01 8.40
CA LYS A 445 23.82 -15.21 9.55
C LYS A 445 25.26 -15.31 9.06
N GLY A 446 26.07 -14.32 9.43
CA GLY A 446 27.45 -14.27 8.99
C GLY A 446 27.68 -13.60 7.65
N VAL A 447 26.62 -13.37 6.87
CA VAL A 447 26.73 -12.78 5.54
C VAL A 447 26.12 -11.38 5.59
N ASP A 448 26.83 -10.42 5.03
CA ASP A 448 26.36 -9.03 4.97
C ASP A 448 26.03 -8.56 3.56
N THR A 449 26.72 -9.06 2.55
CA THR A 449 26.47 -8.66 1.18
C THR A 449 26.55 -9.87 0.26
N VAL A 450 25.89 -9.74 -0.88
CA VAL A 450 25.89 -10.75 -1.94
C VAL A 450 26.14 -10.02 -3.25
N SER A 451 27.03 -10.57 -4.08
CA SER A 451 27.38 -9.97 -5.36
C SER A 451 27.03 -10.93 -6.48
N VAL A 452 26.26 -10.46 -7.45
CA VAL A 452 25.99 -11.19 -8.69
C VAL A 452 26.39 -10.28 -9.83
N GLY A 453 27.45 -10.64 -10.54
CA GLY A 453 27.95 -9.78 -11.60
C GLY A 453 28.46 -8.47 -11.01
N ASN A 454 27.96 -7.37 -11.56
CA ASN A 454 28.36 -6.03 -11.13
C ASN A 454 27.37 -5.43 -10.13
N THR A 455 26.46 -6.23 -9.59
CA THR A 455 25.42 -5.74 -8.69
C THR A 455 25.71 -6.21 -7.27
N LEU A 456 25.78 -5.25 -6.34
CA LEU A 456 25.99 -5.54 -4.93
C LEU A 456 24.65 -5.48 -4.21
N TYR A 457 24.26 -6.59 -3.58
CA TYR A 457 23.05 -6.68 -2.79
C TYR A 457 23.41 -6.69 -1.31
N TYR A 458 22.78 -5.82 -0.54
CA TYR A 458 22.84 -5.91 0.91
C TYR A 458 21.70 -6.82 1.38
N VAL A 459 22.03 -7.75 2.28
CA VAL A 459 21.04 -8.66 2.80
C VAL A 459 20.39 -8.05 4.04
N ASN A 460 19.18 -8.51 4.35
CA ASN A 460 18.48 -8.04 5.54
C ASN A 460 19.09 -8.68 6.79
N LYS A 461 19.40 -7.84 7.78
CA LYS A 461 20.06 -8.29 9.00
C LYS A 461 19.06 -8.60 10.11
N GLN A 462 17.85 -9.02 9.76
CA GLN A 462 16.86 -9.39 10.77
C GLN A 462 17.20 -10.75 11.37
N GLU A 463 16.89 -10.91 12.65
CA GLU A 463 17.16 -12.15 13.35
C GLU A 463 16.14 -13.22 12.94
N GLY A 464 16.64 -14.44 12.73
CA GLY A 464 15.78 -15.54 12.32
C GLY A 464 16.58 -16.74 11.85
N LYS A 465 15.95 -17.91 11.83
CA LYS A 465 16.63 -19.16 11.49
C LYS A 465 16.15 -19.65 10.13
N SER A 466 17.09 -20.06 9.29
CA SER A 466 16.82 -20.55 7.95
C SER A 466 17.05 -22.06 7.89
N LEU A 467 16.36 -22.71 6.95
CA LEU A 467 16.45 -24.15 6.77
C LEU A 467 16.66 -24.43 5.29
N TYR A 468 17.76 -25.12 4.97
CA TYR A 468 18.11 -25.46 3.59
C TYR A 468 17.58 -26.87 3.30
N VAL A 469 16.58 -26.96 2.43
CA VAL A 469 15.94 -28.23 2.10
C VAL A 469 16.56 -28.73 0.81
N LYS A 470 17.47 -29.69 0.93
CA LYS A 470 18.14 -30.24 -0.25
C LYS A 470 17.14 -30.96 -1.13
N GLY A 471 17.42 -30.93 -2.44
CA GLY A 471 16.55 -31.58 -3.40
C GLY A 471 17.06 -31.45 -4.82
N GLU A 472 16.73 -32.43 -5.66
CA GLU A 472 17.15 -32.37 -7.06
C GLU A 472 16.41 -31.25 -7.78
N PRO A 473 17.12 -30.37 -8.48
CA PRO A 473 16.44 -29.33 -9.27
C PRO A 473 15.56 -29.95 -10.34
N ILE A 474 14.28 -29.58 -10.34
CA ILE A 474 13.31 -30.23 -11.22
C ILE A 474 13.56 -29.95 -12.69
N ILE A 475 14.40 -28.97 -13.02
CA ILE A 475 14.72 -28.70 -14.42
C ILE A 475 15.50 -29.85 -15.04
N ASN A 476 16.18 -30.67 -14.22
CA ASN A 476 16.93 -31.80 -14.74
C ASN A 476 16.03 -32.95 -15.20
N PHE A 477 14.74 -32.89 -14.87
CA PHE A 477 13.80 -33.95 -15.23
C PHE A 477 13.21 -33.77 -16.63
N TYR A 478 13.61 -32.74 -17.36
CA TYR A 478 13.02 -32.40 -18.64
C TYR A 478 14.01 -32.61 -19.77
N ASP A 479 13.57 -33.26 -20.83
CA ASP A 479 14.39 -33.42 -22.02
C ASP A 479 14.40 -32.12 -22.81
N PRO A 480 15.56 -31.49 -23.01
CA PRO A 480 15.59 -30.18 -23.69
C PRO A 480 15.06 -30.22 -25.12
N LEU A 481 15.09 -31.38 -25.78
CA LEU A 481 14.66 -31.43 -27.18
C LEU A 481 13.16 -31.19 -27.32
N VAL A 482 12.37 -31.58 -26.32
CA VAL A 482 10.92 -31.43 -26.37
C VAL A 482 10.43 -30.48 -25.28
N PHE A 483 11.33 -29.71 -24.67
CA PHE A 483 10.94 -28.79 -23.61
C PHE A 483 10.27 -27.57 -24.23
N PRO A 484 9.07 -27.20 -23.77
CA PRO A 484 8.39 -26.03 -24.34
C PRO A 484 8.92 -24.72 -23.76
N SER A 485 9.88 -24.12 -24.44
CA SER A 485 10.42 -22.85 -23.98
C SER A 485 9.43 -21.72 -24.32
N ASP A 486 9.65 -20.58 -23.65
CA ASP A 486 8.83 -19.38 -23.85
C ASP A 486 7.36 -19.65 -23.57
N GLU A 487 7.08 -20.07 -22.34
CA GLU A 487 5.73 -20.16 -21.80
C GLU A 487 5.67 -19.26 -20.58
N ILE A 488 4.85 -18.22 -20.64
CA ILE A 488 4.86 -17.18 -19.61
C ILE A 488 3.85 -17.46 -18.51
N ASP A 489 2.61 -17.75 -18.87
CA ASP A 489 1.55 -18.04 -17.91
C ASP A 489 1.16 -19.51 -18.03
N ALA A 490 2.05 -20.38 -17.57
CA ALA A 490 1.86 -21.81 -17.70
C ALA A 490 1.84 -22.47 -16.32
N SER A 491 1.86 -23.80 -16.31
CA SER A 491 1.84 -24.58 -15.09
C SER A 491 2.50 -25.93 -15.36
N ILE A 492 2.61 -26.74 -14.31
CA ILE A 492 3.25 -28.05 -14.44
C ILE A 492 2.47 -28.93 -15.40
N SER A 493 1.13 -28.93 -15.28
CA SER A 493 0.33 -29.79 -16.14
C SER A 493 0.32 -29.31 -17.57
N GLN A 494 0.35 -27.99 -17.79
CA GLN A 494 0.39 -27.47 -19.16
C GLN A 494 1.68 -27.89 -19.87
N VAL A 495 2.82 -27.77 -19.18
CA VAL A 495 4.09 -28.17 -19.77
C VAL A 495 4.08 -29.66 -20.09
N ASN A 496 3.57 -30.48 -19.17
CA ASN A 496 3.48 -31.91 -19.43
C ASN A 496 2.57 -32.20 -20.62
N GLU A 497 1.45 -31.50 -20.72
CA GLU A 497 0.55 -31.69 -21.86
C GLU A 497 1.21 -31.27 -23.16
N LYS A 498 2.08 -30.26 -23.13
CA LYS A 498 2.75 -29.83 -24.35
C LYS A 498 3.89 -30.78 -24.72
N ILE A 499 4.63 -31.28 -23.73
CA ILE A 499 5.70 -32.24 -24.01
C ILE A 499 5.12 -33.52 -24.59
N ASN A 500 3.99 -33.98 -24.03
CA ASN A 500 3.36 -35.20 -24.52
C ASN A 500 2.95 -35.07 -25.98
N GLN A 501 2.60 -33.87 -26.43
CA GLN A 501 2.26 -33.67 -27.84
C GLN A 501 3.51 -33.71 -28.71
N SER A 502 4.58 -33.02 -28.28
CA SER A 502 5.81 -33.03 -29.05
C SER A 502 6.44 -34.43 -29.11
N LEU A 503 6.26 -35.22 -28.05
CA LEU A 503 6.81 -36.58 -28.05
C LEU A 503 6.02 -37.49 -28.97
N ALA A 504 4.69 -37.37 -28.95
CA ALA A 504 3.85 -38.19 -29.83
C ALA A 504 4.08 -37.84 -31.30
N PHE A 505 4.50 -36.61 -31.58
CA PHE A 505 4.78 -36.16 -32.93
C PHE A 505 6.20 -36.48 -33.38
N ILE A 506 6.88 -37.41 -32.70
CA ILE A 506 8.23 -37.82 -33.08
C ILE A 506 8.32 -39.34 -33.14
C1 NAG B . 1.99 -37.67 -20.52
C2 NAG B . 3.21 -37.43 -19.62
C3 NAG B . 3.33 -38.54 -18.58
C4 NAG B . 2.03 -38.70 -17.81
C5 NAG B . 0.87 -38.90 -18.78
C6 NAG B . -0.48 -38.96 -18.10
C7 NAG B . 5.32 -36.34 -20.26
C8 NAG B . 6.52 -36.41 -21.15
N2 NAG B . 4.43 -37.33 -20.40
O3 NAG B . 4.39 -38.23 -17.68
O4 NAG B . 2.12 -39.83 -16.94
O5 NAG B . 0.81 -37.81 -19.71
O6 NAG B . -1.01 -37.66 -17.86
O7 NAG B . 5.16 -35.43 -19.45
C3' NHE C . 6.45 -9.61 -18.12
C2' NHE C . 6.15 -8.96 -16.78
C1' NHE C . 5.75 -9.99 -15.75
C6' NHE C . 4.58 -10.83 -16.22
N NHE C . 5.41 -9.35 -14.52
C1 NHE C . 4.28 -8.48 -14.75
C2 NHE C . 3.89 -7.76 -13.39
S NHE C . 2.24 -7.06 -13.56
O1 NHE C . 1.96 -6.11 -12.41
O2 NHE C . 2.06 -6.38 -14.89
O3 NHE C . 1.22 -8.13 -13.64
C5' NHE C . 4.87 -11.49 -17.56
C4' NHE C . 5.34 -10.48 -18.61
C3' NHE D . 7.17 -36.30 -14.27
C2' NHE D . 7.02 -36.30 -15.79
C1' NHE D . 8.20 -35.65 -16.47
C6' NHE D . 8.46 -34.25 -15.95
N NHE D . 7.94 -35.59 -17.88
C1 NHE D . 9.09 -36.10 -18.59
C2 NHE D . 9.92 -34.90 -19.18
S NHE D . 10.71 -35.41 -20.73
O1 NHE D . 9.83 -36.29 -21.52
O2 NHE D . 10.88 -34.23 -21.66
O3 NHE D . 12.05 -36.08 -20.44
C5' NHE D . 8.63 -34.24 -14.46
C4' NHE D . 7.46 -34.91 -13.74
S SO4 E . 7.72 -9.39 -10.35
O1 SO4 E . 6.83 -8.35 -10.85
O2 SO4 E . 8.70 -8.80 -9.45
O3 SO4 E . 6.95 -10.40 -9.63
O4 SO4 E . 8.41 -10.01 -11.49
S SO4 F . 21.00 -19.81 10.27
O1 SO4 F . 20.49 -18.68 9.50
O2 SO4 F . 22.39 -20.08 9.89
O3 SO4 F . 20.19 -20.99 9.99
O4 SO4 F . 20.93 -19.49 11.70
S SO4 G . 1.32 -4.36 16.45
O1 SO4 G . 1.71 -3.56 15.29
O2 SO4 G . 0.00 -3.93 16.92
O3 SO4 G . 2.30 -4.20 17.51
O4 SO4 G . 1.26 -5.77 16.07
S SO4 H . 25.56 -11.98 12.05
O1 SO4 H . 26.27 -11.74 10.80
O2 SO4 H . 25.40 -10.72 12.77
O3 SO4 H . 26.32 -12.92 12.88
O4 SO4 H . 24.25 -12.55 11.76
S SO4 I . -10.17 25.78 16.32
O1 SO4 I . -11.35 25.53 15.50
O2 SO4 I . -9.40 26.87 15.73
O3 SO4 I . -10.58 26.15 17.67
O4 SO4 I . -9.35 24.58 16.37
#